data_3QEG
#
_entry.id   3QEG
#
_cell.length_a   78.906
_cell.length_b   78.906
_cell.length_c   315.147
_cell.angle_alpha   90.00
_cell.angle_beta   90.00
_cell.angle_gamma   120.00
#
_symmetry.space_group_name_H-M   'P 61 2 2'
#
loop_
_entity.id
_entity.type
_entity.pdbx_description
1 polymer 'Fab fragment of human anti-HIV antibody N12-i2, heavy chain'
2 polymer 'Fab fragment of human anti-HIV antibody N12-i2, light chain'
3 water water
#
loop_
_entity_poly.entity_id
_entity_poly.type
_entity_poly.pdbx_seq_one_letter_code
_entity_poly.pdbx_strand_id
1 'polypeptide(L)'
;QVQLVQSGAEVKKPGSSVKVSCRASRGTFSSYGITWVRQAPGQGLEWMGGIIPIFDVTNYAQNFQGRVAITTDAEMSTAY
MELRSLKSEDSAVYYCASDSRDFSYYEPGTSYSHYYNIMDVWGQGTTVTVSSASTKGPSVFPLAPSSKSTSGGTAALGCL
VKDYFPEPVTVSWNSGALTSGVHTFPAVLQSSGLYSLSSVVTVPSSSLGTQTYICNVNHKPSNTKVDKRVEPKSCDKTH
;
H
2 'polypeptide(L)'
;EIVMMQSPGTLSLSPGERATLSCRASQSVSSSYLAWYQQKPGQAPRLLIYGASSRATGIPDRFSGSGSGTDFTLTISRLE
PEDFAVYYCQQYGSSPETFGQGTKVEIKRTVAAPSVFIFPPSDEQLKSGTASVVCLLNNFYPREAKVQWKVDNALQSGNS
QESVTEQDSKDSTYSLSSTLTLSKADYEKHKVYACEVTHQGLSSPVTKSFNRGEC
;
L
#
# COMPACT_ATOMS: atom_id res chain seq x y z
N VAL A 2 13.39 23.39 -6.96
CA VAL A 2 12.02 23.63 -6.42
C VAL A 2 11.43 22.34 -5.83
N GLN A 3 11.31 22.34 -4.51
CA GLN A 3 10.67 21.25 -3.81
C GLN A 3 9.55 21.81 -2.93
N LEU A 4 8.61 20.94 -2.58
CA LEU A 4 7.54 21.30 -1.66
C LEU A 4 7.88 20.49 -0.42
N VAL A 5 8.01 21.17 0.71
CA VAL A 5 8.30 20.46 1.96
C VAL A 5 6.99 20.43 2.76
N GLN A 6 6.52 19.23 3.03
CA GLN A 6 5.35 19.04 3.85
C GLN A 6 5.71 18.83 5.30
N SER A 7 4.73 19.11 6.18
CA SER A 7 4.98 18.88 7.61
C SER A 7 5.02 17.37 7.85
N GLY A 8 5.48 16.98 9.03
CA GLY A 8 5.71 15.58 9.31
C GLY A 8 4.50 14.81 9.70
N ALA A 9 4.68 13.50 9.90
CA ALA A 9 3.62 12.54 10.21
C ALA A 9 2.82 12.93 11.46
N GLU A 10 1.55 12.56 11.50
CA GLU A 10 0.72 12.83 12.64
C GLU A 10 -0.17 11.66 13.01
N VAL A 11 -0.33 11.46 14.31
CA VAL A 11 -1.26 10.47 14.85
C VAL A 11 -2.30 11.27 15.62
N LYS A 12 -3.56 11.04 15.30
CA LYS A 12 -4.66 11.85 15.76
C LYS A 12 -5.79 10.95 16.25
N LYS A 13 -6.54 11.45 17.22
CA LYS A 13 -7.74 10.76 17.71
C LYS A 13 -8.97 11.13 16.87
N PRO A 14 -9.95 10.21 16.73
CA PRO A 14 -11.24 10.58 16.09
C PRO A 14 -11.85 11.87 16.66
N GLY A 15 -12.42 12.72 15.80
CA GLY A 15 -13.02 13.96 16.24
C GLY A 15 -12.07 15.14 16.30
N SER A 16 -10.76 14.88 16.30
CA SER A 16 -9.77 15.97 16.33
C SER A 16 -9.56 16.60 14.96
N SER A 17 -8.61 17.52 14.86
CA SER A 17 -8.31 18.14 13.60
C SER A 17 -6.81 18.13 13.27
N VAL A 18 -6.48 18.25 11.98
CA VAL A 18 -5.11 18.17 11.56
C VAL A 18 -4.86 19.33 10.59
N LYS A 19 -3.69 19.96 10.65
CA LYS A 19 -3.34 20.98 9.68
C LYS A 19 -1.97 20.66 9.05
N VAL A 20 -2.00 20.21 7.80
CA VAL A 20 -0.78 19.82 7.12
C VAL A 20 -0.27 21.04 6.35
N SER A 21 1.03 21.36 6.47
CA SER A 21 1.61 22.49 5.71
C SER A 21 2.41 21.98 4.52
N CYS A 22 2.64 22.86 3.54
CA CYS A 22 3.30 22.49 2.30
C CYS A 22 4.05 23.75 1.91
N ARG A 23 5.35 23.77 2.19
CA ARG A 23 6.10 24.98 1.99
C ARG A 23 6.90 24.89 0.67
N ALA A 24 6.79 25.90 -0.19
CA ALA A 24 7.66 26.00 -1.38
C ALA A 24 9.09 26.44 -1.04
N SER A 25 10.10 25.71 -1.51
CA SER A 25 11.49 26.03 -1.20
C SER A 25 11.87 27.24 -2.06
N ARG A 26 11.15 27.47 -3.17
CA ARG A 26 11.38 28.67 -3.99
C ARG A 26 10.06 29.14 -4.52
N GLY A 27 9.97 30.46 -4.75
CA GLY A 27 8.77 31.02 -5.39
C GLY A 27 7.55 30.99 -4.49
N THR A 28 6.36 31.08 -5.07
CA THR A 28 5.12 31.14 -4.33
C THR A 28 4.08 30.23 -5.03
N PHE A 29 2.81 30.30 -4.64
CA PHE A 29 1.80 29.54 -5.35
C PHE A 29 0.89 30.57 -6.02
N SER A 30 1.42 31.78 -6.23
CA SER A 30 0.50 32.87 -6.48
C SER A 30 -0.15 32.83 -7.86
N SER A 31 0.53 32.32 -8.88
CA SER A 31 -0.10 32.28 -10.21
C SER A 31 -0.96 31.06 -10.53
N TYR A 32 -0.60 29.89 -9.98
CA TYR A 32 -1.25 28.61 -10.36
C TYR A 32 -1.83 27.85 -9.16
N GLY A 33 -1.56 28.31 -7.94
CA GLY A 33 -2.28 27.77 -6.77
C GLY A 33 -1.67 26.48 -6.22
N ILE A 34 -2.49 25.65 -5.58
CA ILE A 34 -1.98 24.45 -4.98
C ILE A 34 -3.17 23.47 -5.05
N THR A 35 -2.89 22.15 -5.13
CA THR A 35 -3.89 21.13 -5.07
C THR A 35 -3.43 20.11 -4.03
N TRP A 36 -4.40 19.61 -3.28
CA TRP A 36 -4.16 18.57 -2.29
C TRP A 36 -4.87 17.28 -2.73
N VAL A 37 -4.20 16.16 -2.47
CA VAL A 37 -4.60 14.81 -2.92
C VAL A 37 -4.30 13.89 -1.76
N ARG A 38 -5.14 12.89 -1.51
CA ARG A 38 -4.75 11.95 -0.49
C ARG A 38 -4.79 10.52 -1.04
N GLN A 39 -4.21 9.61 -0.28
CA GLN A 39 -4.13 8.23 -0.71
C GLN A 39 -4.20 7.38 0.53
N ALA A 40 -5.33 6.73 0.68
CA ALA A 40 -5.54 5.73 1.74
C ALA A 40 -4.69 4.49 1.51
N PRO A 41 -4.38 3.78 2.59
CA PRO A 41 -3.43 2.66 2.52
C PRO A 41 -3.92 1.66 1.47
N GLY A 42 -3.07 1.35 0.50
CA GLY A 42 -3.40 0.38 -0.52
C GLY A 42 -4.41 0.86 -1.57
N GLN A 43 -4.81 2.14 -1.54
CA GLN A 43 -5.80 2.63 -2.52
C GLN A 43 -5.19 3.66 -3.48
N GLY A 44 -6.04 4.23 -4.33
CA GLY A 44 -5.63 5.18 -5.39
C GLY A 44 -5.58 6.61 -4.84
N LEU A 45 -5.35 7.55 -5.74
CA LEU A 45 -5.31 8.98 -5.43
C LEU A 45 -6.71 9.55 -5.41
N GLU A 46 -6.97 10.51 -4.52
CA GLU A 46 -8.26 11.15 -4.38
C GLU A 46 -8.04 12.66 -4.23
N TRP A 47 -8.66 13.44 -5.12
CA TRP A 47 -8.58 14.90 -5.04
C TRP A 47 -9.33 15.39 -3.81
N MET A 48 -8.68 16.21 -2.98
CA MET A 48 -9.39 16.84 -1.88
C MET A 48 -9.85 18.27 -2.18
N GLY A 49 -9.02 19.01 -2.93
CA GLY A 49 -9.36 20.37 -3.28
C GLY A 49 -8.18 21.15 -3.79
N GLY A 50 -8.41 22.42 -4.11
CA GLY A 50 -7.34 23.22 -4.56
C GLY A 50 -7.70 24.67 -4.64
N ILE A 51 -6.64 25.49 -4.65
CA ILE A 51 -6.75 26.93 -4.96
C ILE A 51 -6.49 27.17 -6.43
N ILE A 52 -7.36 27.95 -7.05
CA ILE A 52 -7.20 28.39 -8.43
C ILE A 52 -7.19 29.93 -8.47
N PRO A 53 -5.98 30.51 -8.44
CA PRO A 53 -5.90 31.99 -8.38
C PRO A 53 -6.55 32.71 -9.55
N ILE A 54 -6.57 32.17 -10.76
CA ILE A 54 -7.13 32.97 -11.86
C ILE A 54 -8.64 33.15 -11.76
N PHE A 55 -9.31 32.23 -11.08
CA PHE A 55 -10.70 32.41 -10.75
C PHE A 55 -10.93 32.96 -9.35
N ASP A 56 -9.88 33.15 -8.57
CA ASP A 56 -10.03 33.56 -7.17
C ASP A 56 -11.01 32.67 -6.36
N VAL A 57 -10.81 31.35 -6.46
CA VAL A 57 -11.66 30.39 -5.73
C VAL A 57 -10.80 29.31 -5.09
N THR A 58 -11.38 28.67 -4.07
CA THR A 58 -10.84 27.42 -3.54
C THR A 58 -11.95 26.37 -3.63
N ASN A 59 -11.69 25.27 -4.34
CA ASN A 59 -12.69 24.22 -4.58
C ASN A 59 -12.38 23.02 -3.67
N TYR A 60 -13.43 22.33 -3.21
CA TYR A 60 -13.25 21.17 -2.33
C TYR A 60 -14.12 20.03 -2.84
N ALA A 61 -13.66 18.80 -2.62
CA ALA A 61 -14.38 17.61 -3.04
C ALA A 61 -15.58 17.50 -2.11
N GLN A 62 -16.70 17.10 -2.67
CA GLN A 62 -17.95 16.99 -1.96
C GLN A 62 -17.87 16.15 -0.66
N ASN A 63 -17.16 15.05 -0.66
CA ASN A 63 -17.09 14.27 0.56
C ASN A 63 -16.58 15.00 1.81
N PHE A 64 -15.80 16.06 1.60
CA PHE A 64 -15.21 16.82 2.67
C PHE A 64 -15.77 18.22 2.92
N GLN A 65 -16.79 18.63 2.16
CA GLN A 65 -17.27 20.00 2.30
C GLN A 65 -17.76 20.26 3.70
N GLY A 66 -17.38 21.43 4.21
CA GLY A 66 -17.78 21.82 5.57
C GLY A 66 -16.80 21.37 6.66
N ARG A 67 -15.84 20.50 6.30
CA ARG A 67 -14.85 20.08 7.30
C ARG A 67 -13.39 20.17 6.79
N VAL A 68 -13.19 20.83 5.64
CA VAL A 68 -11.84 21.01 5.09
C VAL A 68 -11.58 22.48 4.68
N ALA A 69 -10.40 22.98 5.02
CA ALA A 69 -10.03 24.33 4.62
C ALA A 69 -8.66 24.27 4.04
N ILE A 70 -8.53 24.84 2.84
CA ILE A 70 -7.27 24.98 2.18
C ILE A 70 -6.94 26.46 2.15
N THR A 71 -5.75 26.81 2.63
CA THR A 71 -5.34 28.23 2.70
C THR A 71 -3.84 28.39 2.44
N THR A 72 -3.36 29.64 2.41
CA THR A 72 -1.93 29.87 2.37
C THR A 72 -1.56 30.97 3.34
N ASP A 73 -0.27 31.12 3.61
CA ASP A 73 0.19 32.25 4.42
C ASP A 73 0.17 33.54 3.61
N ALA A 74 0.49 34.67 4.22
CA ALA A 74 0.35 35.95 3.53
C ALA A 74 1.14 36.02 2.22
N GLU A 75 2.39 35.52 2.24
CA GLU A 75 3.23 35.57 1.03
C GLU A 75 2.95 34.46 0.04
N MET A 76 2.05 33.54 0.41
CA MET A 76 1.62 32.46 -0.49
C MET A 76 2.72 31.47 -0.86
N SER A 77 3.71 31.34 0.02
CA SER A 77 4.75 30.35 -0.18
C SER A 77 4.63 29.14 0.77
N THR A 78 3.64 29.17 1.66
CA THR A 78 3.24 27.95 2.41
C THR A 78 1.72 27.78 2.30
N ALA A 79 1.27 26.56 1.95
CA ALA A 79 -0.15 26.29 1.79
C ALA A 79 -0.49 25.29 2.85
N TYR A 80 -1.77 25.22 3.22
CA TYR A 80 -2.17 24.38 4.34
C TYR A 80 -3.45 23.68 3.99
N MET A 81 -3.55 22.46 4.46
CA MET A 81 -4.81 21.75 4.44
C MET A 81 -5.19 21.36 5.85
N GLU A 82 -6.30 21.92 6.32
CA GLU A 82 -6.86 21.59 7.60
C GLU A 82 -8.11 20.71 7.43
N LEU A 83 -8.13 19.54 8.06
CA LEU A 83 -9.25 18.60 7.96
C LEU A 83 -9.78 18.37 9.34
N ARG A 84 -11.06 18.69 9.58
CA ARG A 84 -11.60 18.62 10.94
C ARG A 84 -12.52 17.41 11.10
N SER A 85 -12.98 17.19 12.34
CA SER A 85 -13.83 16.05 12.70
C SER A 85 -13.30 14.71 12.17
N LEU A 86 -12.03 14.42 12.48
CA LEU A 86 -11.32 13.32 11.81
C LEU A 86 -11.98 11.98 12.14
N LYS A 87 -12.08 11.09 11.18
CA LYS A 87 -12.47 9.70 11.50
C LYS A 87 -11.41 8.75 11.00
N SER A 88 -11.48 7.49 11.37
CA SER A 88 -10.37 6.59 10.97
C SER A 88 -10.23 6.40 9.45
N GLU A 89 -11.34 6.55 8.70
CA GLU A 89 -11.24 6.51 7.20
C GLU A 89 -10.41 7.65 6.61
N ASP A 90 -10.09 8.67 7.41
CA ASP A 90 -9.32 9.79 6.89
C ASP A 90 -7.81 9.47 7.02
N SER A 91 -7.48 8.32 7.62
CA SER A 91 -6.08 7.84 7.64
C SER A 91 -5.54 7.69 6.24
N ALA A 92 -4.48 8.43 5.90
CA ALA A 92 -3.99 8.43 4.52
C ALA A 92 -2.63 9.14 4.49
N VAL A 93 -1.99 9.10 3.34
CA VAL A 93 -0.89 10.02 3.05
C VAL A 93 -1.52 11.18 2.28
N TYR A 94 -1.25 12.41 2.73
CA TYR A 94 -1.79 13.59 2.07
C TYR A 94 -0.65 14.21 1.31
N TYR A 95 -0.90 14.58 0.04
CA TYR A 95 0.10 15.24 -0.84
C TYR A 95 -0.37 16.62 -1.29
N CYS A 96 0.57 17.55 -1.37
CA CYS A 96 0.28 18.81 -2.05
C CYS A 96 1.02 18.78 -3.37
N ALA A 97 0.51 19.49 -4.37
CA ALA A 97 1.19 19.59 -5.65
C ALA A 97 0.97 20.95 -6.28
N SER A 98 2.02 21.48 -6.89
CA SER A 98 1.99 22.81 -7.45
C SER A 98 2.64 22.85 -8.82
N ASP A 99 2.80 24.05 -9.37
CA ASP A 99 3.22 24.21 -10.77
C ASP A 99 4.62 24.86 -10.79
N SER A 100 5.55 24.22 -11.49
CA SER A 100 6.91 24.74 -11.55
C SER A 100 6.97 26.17 -12.15
N ARG A 101 5.95 26.59 -12.88
CA ARG A 101 6.01 27.95 -13.42
C ARG A 101 5.87 28.97 -12.30
N ASP A 102 5.42 28.57 -11.12
CA ASP A 102 5.33 29.52 -10.02
C ASP A 102 6.68 29.76 -9.28
N PHE A 103 7.77 29.10 -9.69
CA PHE A 103 9.09 29.20 -9.04
C PHE A 103 9.42 30.63 -8.57
N SER A 113 -0.29 26.23 -22.25
CA SER A 113 -1.45 26.86 -21.73
C SER A 113 -2.57 25.94 -22.11
N HIS A 114 -2.97 25.05 -21.21
CA HIS A 114 -2.47 24.92 -19.78
C HIS A 114 -2.47 26.14 -18.85
N TYR A 115 -3.65 26.65 -18.60
CA TYR A 115 -3.88 27.79 -17.72
C TYR A 115 -3.89 27.37 -16.24
N TYR A 116 -3.98 26.07 -15.97
CA TYR A 116 -4.11 25.57 -14.60
C TYR A 116 -2.80 24.93 -14.13
N ASN A 117 -2.66 24.89 -12.81
CA ASN A 117 -1.65 24.02 -12.08
C ASN A 117 -1.53 22.66 -12.75
N ILE A 118 -0.40 22.45 -13.46
CA ILE A 118 -0.15 21.11 -14.00
C ILE A 118 0.39 20.09 -13.02
N MET A 119 0.64 20.52 -11.78
CA MET A 119 0.97 19.55 -10.71
C MET A 119 2.24 18.78 -11.04
N ASP A 120 3.24 19.48 -11.55
CA ASP A 120 4.55 18.85 -11.78
C ASP A 120 5.52 18.91 -10.60
N VAL A 121 5.17 19.66 -9.56
CA VAL A 121 6.06 19.64 -8.35
C VAL A 121 5.21 19.03 -7.24
N TRP A 122 5.72 17.99 -6.60
CA TRP A 122 4.95 17.29 -5.59
C TRP A 122 5.66 17.33 -4.24
N GLY A 123 4.90 17.49 -3.15
CA GLY A 123 5.47 17.37 -1.80
C GLY A 123 5.77 15.89 -1.61
N GLN A 124 6.47 15.59 -0.54
CA GLN A 124 6.87 14.22 -0.25
C GLN A 124 5.73 13.42 0.41
N GLY A 125 4.62 14.08 0.75
CA GLY A 125 3.53 13.37 1.44
C GLY A 125 3.63 13.47 2.97
N THR A 126 2.47 13.44 3.64
CA THR A 126 2.37 13.53 5.09
C THR A 126 1.42 12.42 5.52
N THR A 127 1.93 11.48 6.31
CA THR A 127 1.08 10.41 6.82
C THR A 127 0.22 10.93 7.97
N VAL A 128 -1.10 10.72 7.87
CA VAL A 128 -1.96 11.03 9.00
C VAL A 128 -2.68 9.73 9.35
N THR A 129 -2.53 9.32 10.61
CA THR A 129 -3.12 8.07 11.10
C THR A 129 -4.17 8.46 12.10
N VAL A 130 -5.42 8.08 11.85
CA VAL A 130 -6.45 8.53 12.78
C VAL A 130 -6.83 7.29 13.57
N SER A 131 -6.72 7.37 14.90
CA SER A 131 -6.93 6.18 15.74
C SER A 131 -7.02 6.57 17.21
N SER A 132 -7.86 5.83 17.93
CA SER A 132 -8.03 6.07 19.33
C SER A 132 -7.09 5.17 20.13
N ALA A 133 -6.24 4.42 19.42
CA ALA A 133 -5.24 3.59 20.09
C ALA A 133 -4.14 4.42 20.70
N SER A 134 -3.48 3.87 21.72
CA SER A 134 -2.30 4.51 22.31
C SER A 134 -1.08 3.69 21.95
N THR A 135 0.11 4.28 22.08
CA THR A 135 1.33 3.54 21.83
C THR A 135 1.29 2.21 22.59
N LYS A 136 1.61 1.12 21.89
CA LYS A 136 1.64 -0.19 22.50
C LYS A 136 2.67 -1.04 21.75
N GLY A 137 3.66 -1.57 22.42
CA GLY A 137 4.62 -2.52 21.82
C GLY A 137 3.97 -3.87 21.45
N PRO A 138 4.59 -4.62 20.53
CA PRO A 138 3.98 -5.88 20.01
C PRO A 138 4.25 -7.06 20.94
N SER A 139 3.47 -8.10 20.78
CA SER A 139 3.75 -9.38 21.38
C SER A 139 4.43 -10.15 20.22
N VAL A 140 5.57 -10.79 20.47
CA VAL A 140 6.25 -11.55 19.43
C VAL A 140 6.20 -13.06 19.68
N PHE A 141 5.53 -13.80 18.78
CA PHE A 141 5.31 -15.21 18.97
C PHE A 141 6.03 -15.99 17.89
N PRO A 142 6.62 -17.13 18.26
CA PRO A 142 7.37 -17.84 17.22
C PRO A 142 6.43 -18.61 16.32
N LEU A 143 6.79 -18.79 15.05
CA LEU A 143 6.01 -19.64 14.12
C LEU A 143 6.94 -20.83 13.92
N ALA A 144 6.78 -21.85 14.75
CA ALA A 144 7.73 -22.96 14.73
C ALA A 144 7.56 -23.79 13.44
N PRO A 145 8.68 -24.27 12.85
CA PRO A 145 8.63 -25.14 11.68
C PRO A 145 7.82 -26.42 11.96
N THR A 154 13.18 -28.47 2.41
CA THR A 154 13.07 -27.07 2.84
C THR A 154 11.86 -26.76 3.75
N ALA A 155 12.14 -26.13 4.89
CA ALA A 155 11.15 -25.85 5.92
C ALA A 155 10.92 -24.35 6.05
N ALA A 156 9.77 -23.96 6.59
CA ALA A 156 9.48 -22.57 6.85
C ALA A 156 9.18 -22.30 8.33
N LEU A 157 9.65 -21.16 8.82
CA LEU A 157 9.43 -20.72 10.19
C LEU A 157 9.37 -19.19 10.18
N GLY A 158 9.04 -18.59 11.31
CA GLY A 158 8.80 -17.15 11.31
C GLY A 158 8.52 -16.64 12.71
N CYS A 159 8.06 -15.40 12.77
CA CYS A 159 7.62 -14.75 13.98
C CYS A 159 6.40 -13.96 13.64
N LEU A 160 5.43 -13.99 14.53
CA LEU A 160 4.25 -13.18 14.42
C LEU A 160 4.43 -12.02 15.39
N VAL A 161 4.24 -10.81 14.88
CA VAL A 161 4.56 -9.56 15.64
C VAL A 161 3.23 -8.90 15.72
N LYS A 162 2.60 -9.05 16.86
CA LYS A 162 1.14 -8.82 16.96
C LYS A 162 0.81 -7.70 17.92
N ASP A 163 -0.16 -6.87 17.52
CA ASP A 163 -0.85 -5.92 18.36
C ASP A 163 0.05 -4.82 18.82
N TYR A 164 0.48 -4.00 17.87
CA TYR A 164 1.32 -2.86 18.20
C TYR A 164 0.76 -1.58 17.59
N PHE A 165 1.15 -0.43 18.12
CA PHE A 165 0.71 0.82 17.57
C PHE A 165 1.70 1.86 18.02
N PRO A 166 2.10 2.79 17.13
CA PRO A 166 1.76 2.87 15.70
C PRO A 166 2.79 2.14 14.84
N GLU A 167 2.72 2.23 13.53
CA GLU A 167 3.81 1.73 12.70
C GLU A 167 5.05 2.58 12.90
N PRO A 168 6.25 2.12 12.58
CA PRO A 168 6.59 0.83 11.94
C PRO A 168 7.25 -0.13 12.96
N VAL A 169 7.41 -1.41 12.60
CA VAL A 169 8.39 -2.26 13.32
C VAL A 169 9.49 -2.66 12.34
N THR A 170 10.65 -3.07 12.82
CA THR A 170 11.62 -3.67 11.92
C THR A 170 11.86 -5.10 12.35
N VAL A 171 12.12 -5.99 11.40
CA VAL A 171 12.53 -7.36 11.77
C VAL A 171 13.74 -7.73 10.99
N SER A 172 14.68 -8.38 11.64
CA SER A 172 15.67 -9.17 10.91
C SER A 172 15.95 -10.47 11.65
N TRP A 173 16.67 -11.32 10.96
CA TRP A 173 17.04 -12.63 11.45
C TRP A 173 18.57 -12.67 11.48
N ASN A 174 19.10 -12.40 12.66
CA ASN A 174 20.50 -12.01 12.87
C ASN A 174 21.63 -12.60 12.01
N SER A 175 22.02 -11.86 10.99
CA SER A 175 21.42 -10.58 10.79
C SER A 175 21.85 -10.00 9.49
N ALA A 177 23.35 -13.00 9.62
CA ALA A 177 23.71 -13.98 8.60
C ALA A 177 22.58 -14.18 7.58
N LEU A 178 21.40 -14.52 8.09
CA LEU A 178 20.29 -14.97 7.28
C LEU A 178 19.57 -13.78 6.65
N THR A 179 19.47 -13.79 5.32
CA THR A 179 18.74 -12.78 4.59
C THR A 179 18.07 -13.48 3.42
N SER A 180 18.69 -14.55 2.94
CA SER A 180 18.12 -15.27 1.81
C SER A 180 16.85 -15.98 2.26
N GLY A 181 15.78 -15.86 1.47
CA GLY A 181 14.52 -16.56 1.78
C GLY A 181 13.60 -15.94 2.82
N VAL A 182 14.04 -14.83 3.42
CA VAL A 182 13.26 -14.02 4.36
C VAL A 182 12.16 -13.21 3.67
N HIS A 183 10.94 -13.25 4.22
CA HIS A 183 9.88 -12.36 3.77
C HIS A 183 9.25 -11.75 5.02
N THR A 184 9.38 -10.43 5.14
CA THR A 184 8.68 -9.69 6.15
C THR A 184 7.53 -8.97 5.48
N PHE A 185 6.31 -9.31 5.88
CA PHE A 185 5.12 -8.81 5.21
C PHE A 185 4.75 -7.45 5.66
N PRO A 186 4.04 -6.71 4.82
CA PRO A 186 3.41 -5.46 5.21
C PRO A 186 2.50 -5.73 6.40
N ALA A 187 2.38 -4.76 7.29
CA ALA A 187 1.50 -4.91 8.45
C ALA A 187 0.05 -4.85 8.00
N VAL A 188 -0.84 -5.50 8.74
CA VAL A 188 -2.27 -5.39 8.53
C VAL A 188 -2.86 -4.62 9.74
N LEU A 189 -3.80 -3.71 9.48
CA LEU A 189 -4.49 -2.97 10.52
C LEU A 189 -5.65 -3.82 11.01
N GLN A 190 -5.67 -4.21 12.28
CA GLN A 190 -6.76 -5.06 12.77
C GLN A 190 -7.96 -4.18 13.15
N SER A 191 -9.14 -4.78 13.27
CA SER A 191 -10.32 -3.98 13.67
C SER A 191 -10.15 -3.37 15.06
N SER A 192 -9.31 -3.98 15.89
CA SER A 192 -9.01 -3.41 17.19
C SER A 192 -8.25 -2.10 17.10
N GLY A 193 -7.80 -1.72 15.89
CA GLY A 193 -6.97 -0.53 15.70
C GLY A 193 -5.45 -0.72 15.91
N LEU A 194 -5.01 -1.94 16.22
CA LEU A 194 -3.59 -2.23 16.36
C LEU A 194 -3.11 -2.99 15.13
N TYR A 195 -1.83 -2.92 14.85
CA TYR A 195 -1.23 -3.56 13.72
C TYR A 195 -0.73 -4.94 14.09
N SER A 196 -0.63 -5.78 13.07
CA SER A 196 0.06 -7.05 13.18
C SER A 196 0.80 -7.37 11.89
N LEU A 197 1.96 -8.01 12.01
CA LEU A 197 2.60 -8.58 10.81
C LEU A 197 3.34 -9.85 11.12
N SER A 198 3.70 -10.57 10.07
CA SER A 198 4.56 -11.73 10.21
C SER A 198 5.82 -11.61 9.35
N SER A 199 6.89 -12.21 9.85
CA SER A 199 8.13 -12.34 9.11
C SER A 199 8.44 -13.81 9.09
N VAL A 200 8.72 -14.32 7.91
CA VAL A 200 8.95 -15.75 7.71
C VAL A 200 10.28 -15.94 7.00
N VAL A 201 10.80 -17.15 7.02
CA VAL A 201 12.01 -17.49 6.26
C VAL A 201 11.97 -19.00 5.95
N THR A 202 12.29 -19.38 4.72
CA THR A 202 12.41 -20.80 4.36
C THR A 202 13.87 -21.21 4.44
N VAL A 203 14.13 -22.44 4.89
CA VAL A 203 15.50 -22.95 5.16
C VAL A 203 15.57 -24.45 4.82
N PRO A 204 16.78 -25.04 4.68
CA PRO A 204 16.71 -26.49 4.47
C PRO A 204 16.25 -27.28 5.71
N SER A 205 15.43 -28.29 5.49
CA SER A 205 14.98 -29.22 6.55
C SER A 205 16.14 -29.80 7.38
N SER A 206 17.27 -30.03 6.71
CA SER A 206 18.48 -30.63 7.32
C SER A 206 19.10 -29.78 8.43
N SER A 207 18.86 -28.47 8.34
CA SER A 207 19.48 -27.47 9.20
C SER A 207 18.82 -27.37 10.58
N LEU A 208 17.57 -27.80 10.68
CA LEU A 208 16.79 -27.71 11.91
C LEU A 208 17.45 -28.49 13.04
N GLY A 209 17.65 -27.84 14.17
CA GLY A 209 18.40 -28.49 15.27
C GLY A 209 19.91 -28.62 15.01
N THR A 210 20.35 -28.21 13.81
CA THR A 210 21.79 -28.05 13.48
C THR A 210 22.11 -26.55 13.37
N GLN A 211 21.08 -25.72 13.35
CA GLN A 211 21.31 -24.29 13.39
C GLN A 211 20.24 -23.50 14.14
N THR A 212 20.69 -22.56 14.95
CA THR A 212 19.82 -21.65 15.69
C THR A 212 19.17 -20.57 14.78
N TYR A 213 17.91 -20.23 15.07
CA TYR A 213 17.15 -19.17 14.37
C TYR A 213 16.42 -18.26 15.36
N ILE A 214 16.68 -16.97 15.23
CA ILE A 214 16.18 -15.94 16.15
C ILE A 214 15.72 -14.72 15.30
N CYS A 215 14.47 -14.29 15.48
CA CYS A 215 14.01 -13.02 14.88
C CYS A 215 14.25 -11.82 15.79
N ASN A 216 14.71 -10.71 15.19
CA ASN A 216 15.07 -9.52 15.95
C ASN A 216 14.09 -8.43 15.55
N VAL A 217 13.25 -8.02 16.49
CA VAL A 217 12.16 -7.09 16.30
C VAL A 217 12.41 -5.77 17.04
N ASN A 218 12.14 -4.63 16.40
CA ASN A 218 12.20 -3.32 17.07
C ASN A 218 10.93 -2.52 16.84
N HIS A 219 10.34 -2.03 17.92
CA HIS A 219 9.26 -1.07 17.82
C HIS A 219 9.74 0.20 18.55
N LYS A 220 10.28 1.12 17.76
CA LYS A 220 10.82 2.38 18.33
C LYS A 220 9.83 3.23 19.14
N PRO A 221 8.59 3.46 18.67
CA PRO A 221 7.66 4.27 19.48
C PRO A 221 7.31 3.79 20.88
N SER A 222 7.16 2.49 21.09
CA SER A 222 7.13 1.96 22.43
C SER A 222 8.65 1.87 22.69
N ASN A 223 9.13 1.28 23.74
CA ASN A 223 10.59 1.21 23.76
C ASN A 223 10.97 -0.27 23.67
N THR A 224 10.50 -0.93 22.61
CA THR A 224 10.51 -2.39 22.57
C THR A 224 11.55 -2.95 21.62
N LYS A 225 12.35 -3.88 22.13
CA LYS A 225 13.25 -4.70 21.33
C LYS A 225 13.00 -6.12 21.82
N VAL A 226 12.78 -7.06 20.91
CA VAL A 226 12.53 -8.46 21.28
C VAL A 226 13.39 -9.37 20.42
N ASP A 227 13.96 -10.39 21.05
CA ASP A 227 14.77 -11.38 20.38
C ASP A 227 14.13 -12.74 20.62
N LYS A 228 13.44 -13.27 19.61
CA LYS A 228 12.72 -14.53 19.82
C LYS A 228 13.38 -15.74 19.13
N ARG A 229 13.71 -16.76 19.91
CA ARG A 229 14.25 -17.98 19.35
C ARG A 229 13.08 -18.73 18.74
N VAL A 230 13.31 -19.29 17.57
CA VAL A 230 12.28 -20.06 16.90
C VAL A 230 12.79 -21.48 16.80
N GLU A 231 12.18 -22.37 17.60
CA GLU A 231 12.67 -23.75 17.75
C GLU A 231 11.72 -24.79 17.17
N PRO A 232 12.27 -25.87 16.62
CA PRO A 232 11.45 -27.03 16.20
C PRO A 232 10.51 -27.55 17.32
N LYS A 233 9.21 -27.68 17.04
CA LYS A 233 8.31 -28.39 17.92
C LYS A 233 8.75 -29.85 17.87
N SER A 234 8.97 -30.44 19.04
CA SER A 234 9.57 -31.75 19.14
C SER A 234 8.70 -32.63 20.05
N CYS A 235 7.68 -33.29 19.47
CA CYS A 235 6.65 -33.97 20.27
C CYS A 235 7.11 -35.26 20.96
N GLU B 1 -20.34 14.06 -11.56
CA GLU B 1 -18.87 14.12 -11.68
C GLU B 1 -18.36 13.08 -12.66
N ILE B 2 -17.13 13.23 -13.12
CA ILE B 2 -16.57 12.41 -14.18
C ILE B 2 -15.79 11.24 -13.57
N VAL B 3 -16.17 10.03 -13.97
CA VAL B 3 -15.49 8.80 -13.54
C VAL B 3 -14.46 8.44 -14.59
N MET B 4 -13.21 8.23 -14.15
CA MET B 4 -12.05 7.81 -14.96
C MET B 4 -11.83 6.32 -14.74
N MET B 5 -11.85 5.55 -15.81
CA MET B 5 -11.78 4.09 -15.74
C MET B 5 -10.50 3.63 -16.44
N GLN B 6 -9.58 3.04 -15.69
CA GLN B 6 -8.33 2.61 -16.24
C GLN B 6 -8.37 1.12 -16.45
N SER B 7 -7.73 0.68 -17.52
CA SER B 7 -7.58 -0.73 -17.77
C SER B 7 -6.26 -0.97 -18.48
N PRO B 8 -5.71 -2.20 -18.33
CA PRO B 8 -6.23 -3.23 -17.42
C PRO B 8 -5.79 -2.86 -15.99
N GLY B 9 -6.26 -3.59 -14.97
CA GLY B 9 -5.84 -3.22 -13.63
C GLY B 9 -4.35 -3.54 -13.43
N THR B 10 -3.92 -4.61 -14.06
CA THR B 10 -2.53 -5.02 -13.96
C THR B 10 -2.07 -5.39 -15.32
N LEU B 11 -0.95 -4.81 -15.72
CA LEU B 11 -0.38 -5.12 -17.03
C LEU B 11 0.93 -5.89 -16.73
N SER B 12 1.05 -7.11 -17.21
CA SER B 12 2.21 -7.96 -16.91
C SER B 12 3.12 -8.15 -18.14
N LEU B 13 4.28 -7.48 -18.14
CA LEU B 13 5.15 -7.46 -19.34
C LEU B 13 6.59 -7.72 -18.96
N SER B 14 7.40 -8.14 -19.93
CA SER B 14 8.83 -8.30 -19.68
C SER B 14 9.52 -6.97 -19.88
N PRO B 15 10.68 -6.80 -19.24
CA PRO B 15 11.42 -5.55 -19.46
C PRO B 15 11.68 -5.37 -20.97
N GLY B 16 11.61 -4.15 -21.48
CA GLY B 16 11.87 -3.88 -22.87
C GLY B 16 10.60 -3.87 -23.72
N GLU B 17 9.50 -4.44 -23.22
CA GLU B 17 8.28 -4.54 -24.02
C GLU B 17 7.54 -3.21 -23.96
N ARG B 18 6.69 -2.99 -24.95
CA ARG B 18 5.85 -1.81 -25.02
C ARG B 18 4.62 -1.97 -24.07
N ALA B 19 4.27 -0.91 -23.35
CA ALA B 19 3.11 -0.89 -22.39
C ALA B 19 2.14 0.12 -22.97
N THR B 20 0.88 -0.31 -23.15
CA THR B 20 -0.20 0.55 -23.57
C THR B 20 -1.19 0.53 -22.42
N LEU B 21 -1.44 1.70 -21.85
CA LEU B 21 -2.34 1.82 -20.70
C LEU B 21 -3.52 2.69 -21.14
N SER B 22 -4.73 2.29 -20.75
CA SER B 22 -5.94 2.98 -21.18
C SER B 22 -6.67 3.69 -20.05
N CYS B 23 -7.25 4.82 -20.38
CA CYS B 23 -7.97 5.58 -19.42
C CYS B 23 -9.21 6.05 -20.20
N ARG B 24 -10.38 5.63 -19.73
CA ARG B 24 -11.63 6.07 -20.38
C ARG B 24 -12.44 6.92 -19.43
N ALA B 25 -12.95 8.05 -19.91
CA ALA B 25 -13.79 8.94 -19.08
C ALA B 25 -15.28 8.66 -19.31
N SER B 26 -16.11 8.73 -18.26
CA SER B 26 -17.55 8.46 -18.37
C SER B 26 -18.30 9.52 -19.20
N GLN B 27 -17.74 10.73 -19.26
CA GLN B 27 -18.16 11.69 -20.28
C GLN B 27 -16.94 12.37 -20.87
N SER B 28 -17.15 13.13 -21.93
CA SER B 28 -16.08 13.78 -22.67
C SER B 28 -15.26 14.72 -21.74
N VAL B 29 -13.93 14.63 -21.80
CA VAL B 29 -12.99 15.51 -21.06
C VAL B 29 -12.43 16.46 -22.07
N SER B 30 -12.29 17.75 -21.76
CA SER B 30 -11.39 18.52 -22.61
C SER B 30 -9.92 17.96 -22.53
N SER B 31 -9.26 17.85 -23.68
CA SER B 31 -7.96 17.20 -23.81
C SER B 31 -6.96 18.01 -23.02
N SER B 32 -7.10 19.34 -23.15
CA SER B 32 -6.20 20.22 -22.43
C SER B 32 -6.09 19.81 -20.94
N TYR B 33 -7.07 19.07 -20.38
CA TYR B 33 -6.98 18.77 -18.96
C TYR B 33 -6.97 17.29 -18.56
N LEU B 34 -6.16 16.52 -19.27
CA LEU B 34 -5.96 15.08 -18.97
C LEU B 34 -4.46 14.83 -18.65
N ALA B 35 -4.15 14.24 -17.49
CA ALA B 35 -2.75 14.03 -17.09
C ALA B 35 -2.47 12.59 -16.74
N TRP B 36 -1.19 12.19 -16.82
CA TRP B 36 -0.81 10.86 -16.35
C TRP B 36 0.30 11.04 -15.31
N TYR B 37 0.27 10.19 -14.28
CA TYR B 37 1.26 10.19 -13.25
C TYR B 37 1.80 8.79 -13.03
N GLN B 38 3.05 8.72 -12.54
CA GLN B 38 3.64 7.46 -12.16
C GLN B 38 3.82 7.49 -10.64
N GLN B 39 3.67 6.32 -10.00
CA GLN B 39 3.97 6.25 -8.57
C GLN B 39 4.67 4.90 -8.25
N LYS B 40 5.87 4.99 -7.68
CA LYS B 40 6.53 3.78 -7.10
C LYS B 40 6.24 3.66 -5.63
N PRO B 41 6.31 2.41 -5.06
CA PRO B 41 5.90 2.15 -3.65
C PRO B 41 6.61 3.09 -2.69
N GLY B 42 5.86 3.68 -1.74
CA GLY B 42 6.39 4.64 -0.78
C GLY B 42 6.97 5.91 -1.37
N GLN B 43 6.72 6.21 -2.65
CA GLN B 43 7.12 7.53 -3.17
C GLN B 43 5.90 8.29 -3.59
N ALA B 44 6.10 9.57 -3.77
CA ALA B 44 5.05 10.45 -4.17
C ALA B 44 4.81 10.17 -5.68
N PRO B 45 3.61 10.50 -6.19
CA PRO B 45 3.39 10.48 -7.65
C PRO B 45 4.25 11.52 -8.34
N ARG B 46 4.48 11.31 -9.61
CA ARG B 46 5.19 12.31 -10.31
C ARG B 46 4.52 12.41 -11.68
N LEU B 47 4.47 13.63 -12.20
CA LEU B 47 3.73 13.86 -13.46
C LEU B 47 4.56 13.35 -14.65
N LEU B 48 3.89 12.64 -15.57
CA LEU B 48 4.54 12.22 -16.80
C LEU B 48 4.06 13.08 -17.94
N ILE B 49 2.75 13.21 -18.09
CA ILE B 49 2.12 13.84 -19.24
C ILE B 49 1.04 14.77 -18.76
N TYR B 50 0.91 15.96 -19.33
CA TYR B 50 -0.28 16.81 -19.09
C TYR B 50 -0.87 17.20 -20.44
N GLY B 51 -2.08 17.75 -20.49
CA GLY B 51 -2.69 18.22 -21.74
C GLY B 51 -2.82 17.02 -22.68
N ALA B 52 -2.98 15.82 -22.11
CA ALA B 52 -3.18 14.54 -22.84
C ALA B 52 -1.93 14.04 -23.57
N SER B 53 -1.13 14.94 -24.15
CA SER B 53 0.03 14.54 -24.91
C SER B 53 1.34 15.27 -24.64
N SER B 54 1.38 16.24 -23.70
CA SER B 54 2.64 16.98 -23.53
C SER B 54 3.43 16.33 -22.42
N ARG B 55 4.70 16.14 -22.66
CA ARG B 55 5.53 15.42 -21.73
C ARG B 55 6.04 16.44 -20.77
N ALA B 56 5.97 16.14 -19.46
CA ALA B 56 6.58 17.02 -18.44
C ALA B 56 8.10 17.16 -18.55
N THR B 57 8.62 18.22 -17.92
CA THR B 57 10.07 18.45 -17.92
C THR B 57 10.86 17.25 -17.40
N GLY B 58 11.82 16.86 -18.22
CA GLY B 58 12.78 15.84 -17.87
C GLY B 58 12.23 14.43 -17.95
N ILE B 59 11.00 14.27 -18.43
CA ILE B 59 10.47 12.91 -18.56
C ILE B 59 11.01 12.34 -19.91
N PRO B 60 11.52 11.08 -19.92
CA PRO B 60 12.16 10.44 -21.09
C PRO B 60 11.15 10.27 -22.20
N ASP B 61 11.58 10.35 -23.46
CA ASP B 61 10.61 10.36 -24.55
C ASP B 61 9.99 8.99 -24.80
N ARG B 62 10.43 7.96 -24.09
CA ARG B 62 9.69 6.71 -24.19
C ARG B 62 8.25 6.81 -23.69
N PHE B 63 7.94 7.80 -22.82
CA PHE B 63 6.55 8.04 -22.41
C PHE B 63 5.83 8.97 -23.41
N SER B 64 4.65 8.57 -23.89
CA SER B 64 3.87 9.45 -24.76
C SER B 64 2.36 9.25 -24.52
N GLY B 65 1.61 10.32 -24.60
CA GLY B 65 0.17 10.23 -24.35
C GLY B 65 -0.50 10.59 -25.66
N SER B 66 -1.70 10.07 -25.83
CA SER B 66 -2.54 10.41 -26.96
C SER B 66 -3.98 10.24 -26.53
N GLY B 67 -4.91 10.51 -27.47
CA GLY B 67 -6.34 10.37 -27.22
C GLY B 67 -7.11 11.67 -27.16
N SER B 68 -8.44 11.58 -27.05
CA SER B 68 -9.30 12.77 -26.95
C SER B 68 -10.67 12.25 -26.62
N GLY B 69 -11.57 13.19 -26.26
CA GLY B 69 -12.98 12.83 -26.08
C GLY B 69 -13.10 12.06 -24.79
N THR B 70 -13.33 10.75 -24.90
CA THR B 70 -13.45 9.92 -23.70
C THR B 70 -12.27 8.91 -23.61
N ASP B 71 -11.38 8.92 -24.59
CA ASP B 71 -10.46 7.81 -24.76
C ASP B 71 -9.03 8.20 -24.84
N PHE B 72 -8.28 7.85 -23.79
CA PHE B 72 -6.89 8.29 -23.67
C PHE B 72 -5.97 7.11 -23.40
N THR B 73 -4.73 7.25 -23.88
CA THR B 73 -3.70 6.20 -23.82
C THR B 73 -2.34 6.71 -23.40
N LEU B 74 -1.73 6.01 -22.45
CA LEU B 74 -0.35 6.29 -22.13
C LEU B 74 0.43 5.13 -22.71
N THR B 75 1.45 5.44 -23.52
CA THR B 75 2.30 4.43 -24.10
C THR B 75 3.72 4.57 -23.58
N ILE B 76 4.26 3.46 -23.13
CA ILE B 76 5.68 3.43 -22.77
C ILE B 76 6.34 2.55 -23.83
N SER B 77 7.18 3.13 -24.67
CA SER B 77 7.61 2.47 -25.90
C SER B 77 8.46 1.22 -25.64
N ARG B 78 9.26 1.25 -24.57
CA ARG B 78 9.94 0.06 -24.08
C ARG B 78 10.12 0.22 -22.57
N LEU B 79 9.87 -0.84 -21.84
CA LEU B 79 9.89 -0.75 -20.37
C LEU B 79 11.30 -0.86 -19.84
N GLU B 80 11.72 0.17 -19.10
CA GLU B 80 13.00 0.11 -18.40
C GLU B 80 12.75 -0.46 -16.97
N PRO B 81 13.78 -0.99 -16.26
CA PRO B 81 13.52 -1.55 -14.93
C PRO B 81 12.79 -0.56 -13.98
N GLU B 82 13.12 0.73 -14.04
CA GLU B 82 12.45 1.69 -13.17
C GLU B 82 11.02 2.00 -13.62
N ASP B 83 10.55 1.46 -14.76
CA ASP B 83 9.18 1.79 -15.21
C ASP B 83 8.09 0.87 -14.64
N PHE B 84 8.47 -0.22 -13.98
CA PHE B 84 7.53 -1.06 -13.25
C PHE B 84 7.01 -0.35 -12.01
N ALA B 85 5.74 0.03 -12.03
CA ALA B 85 5.23 1.01 -11.11
C ALA B 85 3.71 1.07 -11.36
N VAL B 86 3.05 1.96 -10.64
CA VAL B 86 1.63 2.16 -10.83
C VAL B 86 1.44 3.48 -11.55
N TYR B 87 0.47 3.52 -12.49
CA TYR B 87 0.21 4.72 -13.33
C TYR B 87 -1.24 5.17 -13.14
N TYR B 88 -1.47 6.49 -13.00
CA TYR B 88 -2.83 7.02 -12.74
C TYR B 88 -3.12 8.05 -13.83
N CYS B 89 -4.35 8.08 -14.37
CA CYS B 89 -4.70 9.22 -15.20
C CYS B 89 -5.59 10.12 -14.30
N GLN B 90 -5.83 11.37 -14.70
CA GLN B 90 -6.60 12.32 -13.90
C GLN B 90 -7.21 13.29 -14.91
N GLN B 91 -8.46 13.64 -14.69
CA GLN B 91 -9.09 14.73 -15.38
C GLN B 91 -9.18 15.95 -14.45
N TYR B 92 -8.79 17.12 -14.96
CA TYR B 92 -9.04 18.34 -14.22
C TYR B 92 -9.75 19.39 -15.11
N GLY B 93 -10.53 18.92 -16.10
CA GLY B 93 -11.40 19.79 -16.95
C GLY B 93 -12.68 20.24 -16.26
N SER B 94 -12.92 19.69 -15.08
CA SER B 94 -14.14 19.98 -14.36
C SER B 94 -13.79 19.88 -12.89
N SER B 95 -14.70 20.29 -12.01
CA SER B 95 -14.54 19.90 -10.62
C SER B 95 -15.79 19.14 -10.13
N PRO B 96 -15.61 18.07 -9.35
CA PRO B 96 -14.36 17.64 -8.80
C PRO B 96 -13.39 17.10 -9.87
N GLU B 97 -12.11 17.27 -9.61
CA GLU B 97 -11.06 16.62 -10.37
C GLU B 97 -11.05 15.16 -9.94
N THR B 98 -10.84 14.26 -10.87
CA THR B 98 -10.89 12.83 -10.50
C THR B 98 -9.77 12.06 -11.14
N PHE B 99 -9.44 10.96 -10.49
CA PHE B 99 -8.32 10.13 -10.88
C PHE B 99 -8.87 8.75 -11.32
N GLY B 100 -8.19 8.10 -12.26
CA GLY B 100 -8.47 6.73 -12.49
C GLY B 100 -8.02 5.92 -11.27
N GLN B 101 -8.39 4.64 -11.26
CA GLN B 101 -8.01 3.81 -10.10
C GLN B 101 -6.57 3.27 -10.18
N GLY B 102 -5.84 3.57 -11.25
CA GLY B 102 -4.46 3.08 -11.36
C GLY B 102 -4.29 1.75 -12.11
N THR B 103 -3.22 1.66 -12.87
CA THR B 103 -2.86 0.40 -13.52
C THR B 103 -1.44 0.10 -13.02
N LYS B 104 -1.22 -1.12 -12.54
CA LYS B 104 0.09 -1.56 -12.07
C LYS B 104 0.79 -2.30 -13.22
N VAL B 105 2.00 -1.86 -13.58
CA VAL B 105 2.80 -2.54 -14.59
C VAL B 105 3.79 -3.38 -13.84
N GLU B 106 3.66 -4.68 -13.97
CA GLU B 106 4.39 -5.66 -13.15
C GLU B 106 5.21 -6.55 -14.10
N ILE B 107 6.23 -7.25 -13.59
CA ILE B 107 7.11 -8.06 -14.44
C ILE B 107 6.45 -9.39 -14.74
N LYS B 108 6.27 -9.71 -16.02
CA LYS B 108 5.81 -11.02 -16.42
C LYS B 108 6.92 -12.07 -16.19
N ARG B 109 6.54 -13.20 -15.64
CA ARG B 109 7.36 -14.42 -15.66
C ARG B 109 6.47 -15.64 -15.82
N THR B 110 7.12 -16.80 -15.82
CA THR B 110 6.43 -18.05 -15.99
C THR B 110 5.68 -18.37 -14.71
N VAL B 111 4.59 -19.11 -14.85
CA VAL B 111 3.80 -19.52 -13.70
C VAL B 111 4.64 -20.31 -12.68
N ALA B 112 4.65 -19.83 -11.41
CA ALA B 112 5.20 -20.58 -10.27
C ALA B 112 4.14 -20.92 -9.23
N ALA B 113 4.05 -22.19 -8.85
CA ALA B 113 3.12 -22.63 -7.84
C ALA B 113 3.63 -22.15 -6.47
N PRO B 114 2.71 -21.73 -5.58
CA PRO B 114 3.13 -21.44 -4.20
C PRO B 114 3.52 -22.68 -3.38
N SER B 115 4.42 -22.52 -2.42
CA SER B 115 4.56 -23.52 -1.35
C SER B 115 3.61 -23.09 -0.24
N VAL B 116 2.84 -24.04 0.30
CA VAL B 116 1.85 -23.66 1.29
C VAL B 116 2.29 -24.21 2.64
N PHE B 117 2.24 -23.34 3.67
CA PHE B 117 2.62 -23.72 5.02
C PHE B 117 1.54 -23.25 6.00
N ILE B 118 1.20 -24.08 7.00
CA ILE B 118 0.24 -23.59 7.99
C ILE B 118 0.89 -23.58 9.37
N PHE B 119 0.64 -22.54 10.17
CA PHE B 119 1.17 -22.49 11.55
C PHE B 119 0.02 -22.37 12.53
N PRO B 120 -0.14 -23.38 13.40
CA PRO B 120 -1.09 -23.25 14.49
C PRO B 120 -0.74 -22.06 15.35
N PRO B 121 -1.71 -21.56 16.16
CA PRO B 121 -1.32 -20.61 17.22
C PRO B 121 -0.17 -21.20 18.04
N SER B 122 0.81 -20.36 18.37
CA SER B 122 1.93 -20.76 19.20
C SER B 122 1.44 -21.03 20.62
N ASP B 123 2.12 -21.93 21.31
CA ASP B 123 1.78 -22.27 22.70
C ASP B 123 1.81 -21.01 23.56
N GLU B 124 2.80 -20.17 23.32
CA GLU B 124 2.94 -18.92 24.05
C GLU B 124 1.70 -18.03 23.80
N GLN B 125 1.28 -17.87 22.54
CA GLN B 125 0.13 -17.02 22.28
C GLN B 125 -1.12 -17.59 22.93
N LEU B 126 -1.22 -18.91 23.08
CA LEU B 126 -2.38 -19.47 23.73
C LEU B 126 -2.42 -19.18 25.26
N LYS B 127 -1.41 -18.56 25.79
CA LYS B 127 -1.54 -17.99 27.15
C LYS B 127 -2.46 -16.75 27.07
N SER B 128 -2.48 -16.10 25.90
CA SER B 128 -3.32 -14.90 25.65
C SER B 128 -4.78 -15.28 25.40
N GLY B 129 -5.62 -14.27 25.14
CA GLY B 129 -7.04 -14.49 24.95
C GLY B 129 -7.33 -14.68 23.45
N THR B 130 -6.30 -14.59 22.63
CA THR B 130 -6.44 -14.70 21.16
C THR B 130 -5.56 -15.78 20.56
N ALA B 131 -6.05 -16.44 19.51
CA ALA B 131 -5.30 -17.41 18.73
C ALA B 131 -5.26 -16.95 17.26
N SER B 132 -4.07 -16.95 16.66
CA SER B 132 -3.89 -16.51 15.27
C SER B 132 -3.37 -17.76 14.60
N VAL B 133 -4.04 -18.15 13.52
CA VAL B 133 -3.57 -19.21 12.64
C VAL B 133 -3.01 -18.59 11.37
N VAL B 134 -1.85 -19.04 10.94
CA VAL B 134 -1.19 -18.32 9.85
C VAL B 134 -0.91 -19.29 8.71
N CYS B 135 -1.20 -18.86 7.47
CA CYS B 135 -0.97 -19.71 6.29
C CYS B 135 0.00 -18.97 5.33
N LEU B 136 1.10 -19.60 4.95
CA LEU B 136 2.07 -18.92 4.11
C LEU B 136 1.99 -19.50 2.68
N LEU B 137 1.90 -18.62 1.68
CA LEU B 137 2.10 -19.01 0.28
C LEU B 137 3.43 -18.43 -0.18
N ASN B 138 4.42 -19.28 -0.38
CA ASN B 138 5.73 -18.77 -0.69
C ASN B 138 6.11 -18.81 -2.19
N ASN B 139 6.53 -17.65 -2.73
CA ASN B 139 7.13 -17.49 -4.05
C ASN B 139 6.30 -17.99 -5.22
N PHE B 140 5.22 -17.30 -5.53
CA PHE B 140 4.32 -17.76 -6.51
C PHE B 140 4.15 -16.64 -7.53
N TYR B 141 3.71 -17.01 -8.72
CA TYR B 141 3.40 -16.07 -9.83
C TYR B 141 2.39 -16.79 -10.73
N PRO B 142 1.29 -16.13 -11.13
CA PRO B 142 0.98 -14.75 -10.92
C PRO B 142 0.45 -14.45 -9.53
N ARG B 143 0.19 -13.16 -9.31
CA ARG B 143 -0.25 -12.62 -8.03
C ARG B 143 -1.57 -13.21 -7.54
N GLU B 144 -2.48 -13.50 -8.48
CA GLU B 144 -3.84 -13.97 -8.18
C GLU B 144 -3.76 -15.27 -7.40
N ALA B 145 -4.38 -15.28 -6.23
CA ALA B 145 -4.40 -16.48 -5.40
C ALA B 145 -5.60 -16.36 -4.49
N LYS B 146 -6.25 -17.47 -4.19
CA LYS B 146 -7.35 -17.44 -3.22
C LYS B 146 -6.97 -18.30 -2.02
N VAL B 147 -7.21 -17.77 -0.82
CA VAL B 147 -6.98 -18.47 0.43
C VAL B 147 -8.33 -18.55 1.07
N GLN B 148 -8.77 -19.77 1.33
CA GLN B 148 -10.02 -20.00 2.03
C GLN B 148 -9.78 -20.72 3.38
N TRP B 149 -10.28 -20.12 4.47
CA TRP B 149 -10.20 -20.79 5.78
C TRP B 149 -11.46 -21.63 6.08
N LYS B 150 -11.25 -22.80 6.62
CA LYS B 150 -12.36 -23.59 7.18
C LYS B 150 -12.08 -24.02 8.59
N VAL B 151 -13.09 -23.88 9.45
CA VAL B 151 -13.01 -24.33 10.85
C VAL B 151 -14.10 -25.42 11.05
N ASP B 152 -13.65 -26.65 11.37
CA ASP B 152 -14.50 -27.85 11.33
C ASP B 152 -15.30 -27.88 10.01
N ASN B 153 -14.60 -27.49 8.93
CA ASN B 153 -15.09 -27.45 7.56
C ASN B 153 -16.24 -26.47 7.29
N ALA B 154 -16.48 -25.58 8.26
CA ALA B 154 -17.29 -24.35 8.02
C ALA B 154 -16.45 -23.21 7.39
N LEU B 155 -16.77 -22.79 6.15
CA LEU B 155 -16.03 -21.67 5.51
C LEU B 155 -16.10 -20.41 6.36
N GLN B 156 -14.96 -19.74 6.52
CA GLN B 156 -14.90 -18.59 7.42
C GLN B 156 -15.00 -17.37 6.59
N SER B 157 -15.56 -16.31 7.16
CA SER B 157 -15.42 -14.98 6.53
C SER B 157 -15.63 -13.89 7.54
N GLY B 158 -15.00 -12.76 7.29
CA GLY B 158 -15.04 -11.64 8.21
C GLY B 158 -13.91 -11.72 9.21
N ASN B 159 -13.26 -12.89 9.34
CA ASN B 159 -12.27 -13.04 10.42
C ASN B 159 -10.85 -13.43 9.99
N SER B 160 -10.46 -13.03 8.80
CA SER B 160 -9.09 -13.24 8.36
C SER B 160 -8.61 -12.01 7.65
N GLN B 161 -7.29 -11.85 7.58
CA GLN B 161 -6.73 -10.71 6.86
C GLN B 161 -5.49 -11.21 6.18
N GLU B 162 -5.13 -10.60 5.06
CA GLU B 162 -3.94 -11.09 4.38
C GLU B 162 -3.04 -10.01 3.94
N SER B 163 -1.80 -10.38 3.65
CA SER B 163 -0.80 -9.41 3.25
C SER B 163 0.16 -10.00 2.21
N VAL B 164 0.63 -9.19 1.26
CA VAL B 164 1.44 -9.69 0.15
C VAL B 164 2.70 -8.90 0.01
N THR B 165 3.79 -9.55 -0.32
CA THR B 165 5.02 -8.80 -0.51
C THR B 165 5.01 -8.13 -1.90
N GLU B 166 5.84 -7.12 -2.06
CA GLU B 166 6.19 -6.66 -3.41
C GLU B 166 6.89 -7.73 -4.23
N GLN B 167 6.76 -7.62 -5.54
CA GLN B 167 7.40 -8.53 -6.46
C GLN B 167 8.90 -8.67 -6.15
N ASP B 168 9.37 -9.89 -5.98
CA ASP B 168 10.80 -10.05 -5.57
C ASP B 168 11.73 -9.50 -6.66
N SER B 169 12.73 -8.70 -6.30
CA SER B 169 13.62 -8.10 -7.30
C SER B 169 14.52 -9.15 -7.97
N LYS B 170 14.64 -10.34 -7.38
CA LYS B 170 15.46 -11.38 -7.99
C LYS B 170 14.66 -12.34 -8.84
N ASP B 171 13.66 -13.02 -8.26
CA ASP B 171 12.89 -14.02 -9.01
C ASP B 171 11.48 -13.58 -9.49
N SER B 172 11.14 -12.31 -9.28
CA SER B 172 9.87 -11.77 -9.75
C SER B 172 8.61 -12.45 -9.15
N THR B 173 8.74 -13.12 -8.02
CA THR B 173 7.58 -13.79 -7.43
C THR B 173 6.98 -12.99 -6.31
N TYR B 174 5.78 -13.41 -5.89
CA TYR B 174 5.12 -12.85 -4.73
C TYR B 174 5.05 -13.90 -3.60
N SER B 175 5.02 -13.40 -2.34
CA SER B 175 4.67 -14.21 -1.17
C SER B 175 3.46 -13.60 -0.45
N LEU B 176 2.66 -14.43 0.24
CA LEU B 176 1.40 -13.98 0.84
C LEU B 176 1.26 -14.69 2.15
N SER B 177 0.78 -13.95 3.14
CA SER B 177 0.47 -14.46 4.48
CA SER B 177 0.44 -14.53 4.43
C SER B 177 -1.03 -14.24 4.68
N SER B 178 -1.75 -15.26 5.15
CA SER B 178 -3.14 -15.07 5.58
C SER B 178 -3.21 -15.45 7.06
N THR B 179 -3.84 -14.60 7.87
CA THR B 179 -4.05 -14.85 9.27
C THR B 179 -5.52 -14.97 9.67
N LEU B 180 -5.87 -16.11 10.24
CA LEU B 180 -7.18 -16.27 10.87
C LEU B 180 -7.07 -16.00 12.36
N THR B 181 -7.92 -15.10 12.84
CA THR B 181 -7.94 -14.69 14.25
C THR B 181 -9.25 -15.11 14.89
N LEU B 182 -9.13 -15.81 16.03
CA LEU B 182 -10.25 -16.28 16.83
C LEU B 182 -9.99 -15.97 18.30
N SER B 183 -11.04 -15.90 19.10
CA SER B 183 -10.87 -15.89 20.54
C SER B 183 -10.29 -17.26 20.93
N LYS B 184 -9.46 -17.31 21.96
CA LYS B 184 -8.94 -18.59 22.44
C LYS B 184 -10.09 -19.51 22.74
N ALA B 185 -11.20 -18.98 23.24
CA ALA B 185 -12.37 -19.83 23.58
C ALA B 185 -12.96 -20.47 22.34
N ASP B 186 -13.03 -19.69 21.26
CA ASP B 186 -13.52 -20.20 19.98
C ASP B 186 -12.55 -21.23 19.39
N TYR B 187 -11.27 -20.96 19.53
CA TYR B 187 -10.21 -21.85 19.08
C TYR B 187 -10.34 -23.19 19.78
N GLU B 188 -10.63 -23.18 21.08
CA GLU B 188 -10.82 -24.44 21.84
C GLU B 188 -12.08 -25.22 21.48
N LYS B 189 -13.08 -24.52 20.95
CA LYS B 189 -14.38 -25.14 20.71
C LYS B 189 -14.39 -25.90 19.40
N HIS B 190 -13.33 -25.78 18.61
CA HIS B 190 -13.27 -26.42 17.30
C HIS B 190 -12.00 -27.26 17.16
N LYS B 191 -11.97 -28.18 16.20
CA LYS B 191 -10.90 -29.19 16.12
C LYS B 191 -10.03 -29.11 14.87
N VAL B 192 -10.64 -29.00 13.68
CA VAL B 192 -9.98 -29.05 12.36
C VAL B 192 -9.81 -27.67 11.73
N TYR B 193 -8.54 -27.30 11.53
CA TYR B 193 -8.17 -26.00 10.97
C TYR B 193 -7.50 -26.21 9.64
N ALA B 194 -8.15 -25.71 8.59
CA ALA B 194 -7.66 -25.88 7.21
C ALA B 194 -7.47 -24.56 6.48
N CYS B 195 -6.35 -24.40 5.79
CA CYS B 195 -6.30 -23.35 4.80
C CYS B 195 -6.28 -23.89 3.36
N GLU B 196 -7.26 -23.44 2.58
CA GLU B 196 -7.44 -23.97 1.22
C GLU B 196 -7.00 -22.91 0.23
N VAL B 197 -6.01 -23.29 -0.58
CA VAL B 197 -5.41 -22.31 -1.49
C VAL B 197 -5.77 -22.68 -2.90
N THR B 198 -6.13 -21.71 -3.71
CA THR B 198 -6.23 -21.94 -5.14
C THR B 198 -5.31 -20.96 -5.90
N HIS B 199 -4.52 -21.53 -6.82
CA HIS B 199 -3.61 -20.78 -7.68
C HIS B 199 -3.53 -21.45 -9.06
N GLN B 200 -3.57 -20.65 -10.13
CA GLN B 200 -3.42 -21.24 -11.47
C GLN B 200 -2.17 -22.16 -11.61
N GLY B 201 -1.16 -21.99 -10.76
CA GLY B 201 -0.03 -22.94 -10.75
C GLY B 201 -0.33 -24.35 -10.20
N LEU B 202 -1.54 -24.52 -9.65
CA LEU B 202 -1.90 -25.79 -9.02
C LEU B 202 -3.01 -26.51 -9.78
N SER B 203 -2.79 -27.80 -10.03
CA SER B 203 -3.76 -28.60 -10.80
C SER B 203 -5.16 -28.47 -10.20
N SER B 204 -5.18 -28.58 -8.87
CA SER B 204 -6.39 -28.52 -8.08
C SER B 204 -5.98 -27.95 -6.70
N PRO B 205 -6.88 -27.17 -6.05
CA PRO B 205 -6.67 -26.51 -4.73
C PRO B 205 -5.88 -27.34 -3.73
N VAL B 206 -4.98 -26.69 -2.97
CA VAL B 206 -4.12 -27.38 -2.00
C VAL B 206 -4.55 -26.96 -0.59
N THR B 207 -4.72 -27.96 0.27
CA THR B 207 -5.18 -27.72 1.62
C THR B 207 -4.08 -28.14 2.58
N LYS B 208 -3.66 -27.22 3.44
CA LYS B 208 -2.90 -27.58 4.64
C LYS B 208 -3.79 -27.29 5.83
N SER B 209 -3.75 -28.22 6.75
CA SER B 209 -4.61 -28.21 7.89
C SER B 209 -3.92 -28.93 9.05
N PHE B 210 -4.45 -28.72 10.25
CA PHE B 210 -4.01 -29.48 11.43
C PHE B 210 -5.25 -29.61 12.30
N ASN B 211 -5.17 -30.51 13.28
CA ASN B 211 -6.10 -30.66 14.40
C ASN B 211 -5.48 -30.07 15.69
N ARG B 212 -6.22 -29.17 16.34
CA ARG B 212 -5.82 -28.57 17.62
C ARG B 212 -5.48 -29.72 18.55
N GLY B 213 -4.37 -29.65 19.29
CA GLY B 213 -4.02 -30.68 20.30
C GLY B 213 -2.96 -31.69 19.86
#